data_5KOW
#
_entry.id   5KOW
#
_cell.length_a   81.489
_cell.length_b   81.489
_cell.length_c   282.224
_cell.angle_alpha   90.000
_cell.angle_beta   90.000
_cell.angle_gamma   120.000
#
_symmetry.space_group_name_H-M   'P 65 2 2'
#
loop_
_entity.id
_entity.type
_entity.pdbx_description
1 polymer 'Pentachlorophenol 4-monooxygenase'
2 non-polymer 'FLAVIN-ADENINE DINUCLEOTIDE'
3 non-polymer 'ACETATE ION'
4 water water
#
_entity_poly.entity_id   1
_entity_poly.type   'polypeptide(L)'
_entity_poly.pdbx_seq_one_letter_code
;GSHMIDVIIAGGGPTGLMLAGELRLHGVRTVVLEKEPTPNQHSRSRGLHARSIEVMDQRGLLERFLAHGEQFRVGGFFAG
LAAEWPADLDTAHSYVLAIPQVVTERLLTEHATELGAEIRRGCEVAGLDQDADGVTAELADGTRLRARYLVGCDGGRSTV
RRLLGVDFPGEPTRVETLLADVRIDVPVETLTAVVAEVRKTQLRFGAVPAGDGFFRLIVPAQGLSADRAAPTLDELKRCL
HATAGTDFGVHSPRWLSRFGDATRLAERYRTGRVLLAGDAAHIHPPTGGQGLNLGIQDAFNLGWKLAAAIGGWAPPDLLD
SYHDERHPVAAEVLDNTRAQMTLLSLDPGPRAVRRLMAELVEFPDVNRHLIEKITAIAVRYDLGDGHDLVGRRLRDIPLT
EGRLYERMRGGRGLLLDRTGRLSVSGWSDRVDHLADPGAALDVPAALLRPDGHVAWVGEDQDDLLAHLPRWFGAAT
;
_entity_poly.pdbx_strand_id   A
#
loop_
_chem_comp.id
_chem_comp.type
_chem_comp.name
_chem_comp.formula
ACT non-polymer 'ACETATE ION' 'C2 H3 O2 -1'
FAD non-polymer 'FLAVIN-ADENINE DINUCLEOTIDE' 'C27 H33 N9 O15 P2'
#
# COMPACT_ATOMS: atom_id res chain seq x y z
N HIS A 3 -7.44 10.70 -27.70
CA HIS A 3 -6.32 10.69 -28.64
C HIS A 3 -5.33 9.58 -28.29
N MET A 4 -4.05 9.92 -28.15
CA MET A 4 -3.04 8.97 -27.73
C MET A 4 -3.22 8.60 -26.25
N ILE A 5 -2.80 7.37 -25.90
CA ILE A 5 -2.79 6.98 -24.50
C ILE A 5 -1.84 7.90 -23.74
N ASP A 6 -2.30 8.41 -22.59
CA ASP A 6 -1.42 9.25 -21.79
C ASP A 6 -0.47 8.41 -20.94
N VAL A 7 -1.03 7.46 -20.19
CA VAL A 7 -0.26 6.65 -19.26
C VAL A 7 -0.62 5.20 -19.53
N ILE A 8 0.38 4.35 -19.67
CA ILE A 8 0.23 2.90 -19.66
C ILE A 8 0.66 2.39 -18.29
N ILE A 9 -0.16 1.55 -17.67
CA ILE A 9 0.18 0.91 -16.40
C ILE A 9 0.42 -0.57 -16.65
N ALA A 10 1.63 -1.04 -16.36
CA ALA A 10 1.96 -2.45 -16.46
C ALA A 10 1.54 -3.14 -15.17
N GLY A 11 0.50 -3.96 -15.24
CA GLY A 11 0.05 -4.70 -14.08
C GLY A 11 -1.25 -4.16 -13.49
N GLY A 12 -2.24 -5.05 -13.32
CA GLY A 12 -3.53 -4.66 -12.82
C GLY A 12 -3.79 -5.16 -11.41
N GLY A 13 -2.78 -5.07 -10.55
CA GLY A 13 -2.97 -5.36 -9.15
C GLY A 13 -3.53 -4.15 -8.42
N PRO A 14 -3.64 -4.22 -7.10
CA PRO A 14 -4.19 -3.07 -6.36
C PRO A 14 -3.43 -1.77 -6.60
N THR A 15 -2.10 -1.83 -6.71
CA THR A 15 -1.33 -0.61 -6.96
C THR A 15 -1.74 0.01 -8.30
N GLY A 16 -1.68 -0.77 -9.38
CA GLY A 16 -2.00 -0.21 -10.69
C GLY A 16 -3.44 0.23 -10.81
N LEU A 17 -4.35 -0.53 -10.20
CA LEU A 17 -5.76 -0.16 -10.24
C LEU A 17 -6.03 1.13 -9.48
N MET A 18 -5.48 1.26 -8.28
CA MET A 18 -5.63 2.50 -7.53
C MET A 18 -5.03 3.66 -8.31
N LEU A 19 -3.88 3.43 -8.95
CA LEU A 19 -3.27 4.46 -9.78
C LEU A 19 -4.15 4.81 -10.96
N ALA A 20 -4.73 3.80 -11.61
CA ALA A 20 -5.66 4.04 -12.72
C ALA A 20 -6.80 4.94 -12.27
N GLY A 21 -7.38 4.65 -11.11
CA GLY A 21 -8.46 5.47 -10.60
C GLY A 21 -8.03 6.90 -10.34
N GLU A 22 -6.85 7.09 -9.72
CA GLU A 22 -6.39 8.44 -9.43
C GLU A 22 -6.16 9.23 -10.72
N LEU A 23 -5.67 8.56 -11.75
CA LEU A 23 -5.42 9.25 -13.02
C LEU A 23 -6.72 9.63 -13.71
N ARG A 24 -7.74 8.77 -13.64
CA ARG A 24 -9.01 9.03 -14.31
C ARG A 24 -9.78 10.21 -13.70
N LEU A 25 -9.51 10.57 -12.44
CA LEU A 25 -10.13 11.74 -11.84
C LEU A 25 -9.79 13.01 -12.61
N HIS A 26 -8.75 12.97 -13.44
CA HIS A 26 -8.24 14.17 -14.10
C HIS A 26 -8.30 14.06 -15.63
N GLY A 27 -9.07 13.12 -16.16
CA GLY A 27 -9.19 12.95 -17.59
C GLY A 27 -8.02 12.28 -18.28
N VAL A 28 -7.08 11.68 -17.54
CA VAL A 28 -5.90 11.07 -18.15
C VAL A 28 -6.32 9.79 -18.88
N ARG A 29 -6.00 9.69 -20.17
CA ARG A 29 -6.31 8.44 -20.86
C ARG A 29 -5.37 7.34 -20.40
N THR A 30 -5.92 6.30 -19.80
CA THR A 30 -5.16 5.34 -19.00
C THR A 30 -5.48 3.93 -19.45
N VAL A 31 -4.44 3.17 -19.81
CA VAL A 31 -4.58 1.77 -20.22
C VAL A 31 -3.79 0.91 -19.24
N VAL A 32 -4.47 -0.01 -18.56
CA VAL A 32 -3.84 -1.00 -17.70
C VAL A 32 -3.64 -2.27 -18.51
N LEU A 33 -2.39 -2.72 -18.62
CA LEU A 33 -2.04 -3.96 -19.29
C LEU A 33 -1.82 -5.01 -18.21
N GLU A 34 -2.74 -5.97 -18.10
CA GLU A 34 -2.67 -7.01 -17.06
C GLU A 34 -2.43 -8.34 -17.72
N LYS A 35 -1.34 -9.02 -17.30
CA LYS A 35 -0.89 -10.24 -17.95
C LYS A 35 -1.95 -11.34 -17.86
N GLU A 36 -2.59 -11.48 -16.72
CA GLU A 36 -3.45 -12.64 -16.58
C GLU A 36 -4.78 -12.40 -17.32
N PRO A 37 -5.33 -13.44 -17.95
CA PRO A 37 -6.61 -13.25 -18.66
C PRO A 37 -7.83 -13.20 -17.75
N THR A 38 -7.72 -13.64 -16.50
CA THR A 38 -8.84 -13.63 -15.57
C THR A 38 -8.32 -13.23 -14.20
N PRO A 39 -9.11 -12.51 -13.40
CA PRO A 39 -8.63 -12.05 -12.09
C PRO A 39 -8.13 -13.21 -11.23
N ASN A 40 -7.05 -12.95 -10.51
CA ASN A 40 -6.51 -13.95 -9.62
C ASN A 40 -7.44 -14.13 -8.41
N GLN A 41 -7.68 -15.41 -8.07
CA GLN A 41 -8.60 -15.77 -7.01
C GLN A 41 -7.90 -16.14 -5.70
N HIS A 42 -6.57 -16.21 -5.68
CA HIS A 42 -5.84 -16.42 -4.43
C HIS A 42 -5.74 -15.08 -3.70
N SER A 43 -6.39 -14.98 -2.55
CA SER A 43 -6.40 -13.73 -1.80
C SER A 43 -5.18 -13.68 -0.89
N ARG A 44 -4.44 -12.58 -0.96
CA ARG A 44 -3.24 -12.41 -0.16
C ARG A 44 -3.58 -11.73 1.16
N SER A 45 -3.55 -10.40 1.19
CA SER A 45 -3.89 -9.72 2.43
C SER A 45 -5.32 -10.06 2.83
N ARG A 46 -5.57 -10.00 4.14
CA ARG A 46 -6.89 -10.20 4.72
C ARG A 46 -7.59 -8.90 5.07
N GLY A 47 -7.00 -7.76 4.76
CA GLY A 47 -7.65 -6.50 5.05
C GLY A 47 -6.90 -5.23 4.63
N LEU A 48 -7.18 -4.15 5.34
CA LEU A 48 -6.68 -2.81 5.07
C LEU A 48 -6.49 -2.10 6.41
N HIS A 49 -5.46 -1.24 6.48
CA HIS A 49 -5.21 -0.48 7.71
C HIS A 49 -5.72 0.95 7.55
N ALA A 50 -5.63 1.71 8.65
CA ALA A 50 -6.37 2.97 8.76
C ALA A 50 -6.06 3.93 7.62
N ARG A 51 -4.78 4.10 7.28
CA ARG A 51 -4.48 5.10 6.27
C ARG A 51 -5.07 4.70 4.93
N SER A 52 -5.07 3.40 4.60
CA SER A 52 -5.74 2.93 3.40
C SER A 52 -7.23 3.16 3.48
N ILE A 53 -7.82 2.88 4.65
CA ILE A 53 -9.24 3.18 4.87
C ILE A 53 -9.51 4.66 4.67
N GLU A 54 -8.66 5.52 5.23
CA GLU A 54 -8.81 6.97 5.06
C GLU A 54 -8.75 7.34 3.58
N VAL A 55 -7.78 6.79 2.87
CA VAL A 55 -7.61 7.08 1.45
C VAL A 55 -8.87 6.75 0.67
N MET A 56 -9.45 5.56 0.92
CA MET A 56 -10.70 5.20 0.25
C MET A 56 -11.79 6.22 0.53
N ASP A 57 -11.89 6.70 1.78
CA ASP A 57 -12.92 7.66 2.16
C ASP A 57 -12.70 9.02 1.47
N GLN A 58 -11.44 9.43 1.30
CA GLN A 58 -11.16 10.66 0.58
C GLN A 58 -11.65 10.62 -0.86
N ARG A 59 -11.83 9.43 -1.42
CA ARG A 59 -12.25 9.28 -2.80
C ARG A 59 -13.66 8.72 -2.91
N GLY A 60 -14.37 8.61 -1.78
CA GLY A 60 -15.76 8.19 -1.77
C GLY A 60 -16.00 6.71 -1.86
N LEU A 61 -14.97 5.90 -1.64
CA LEU A 61 -15.08 4.45 -1.79
C LEU A 61 -15.27 3.72 -0.48
N LEU A 62 -15.27 4.41 0.67
CA LEU A 62 -15.30 3.70 1.94
C LEU A 62 -16.62 2.96 2.14
N GLU A 63 -17.74 3.56 1.72
CA GLU A 63 -19.03 2.91 1.90
C GLU A 63 -19.06 1.54 1.24
N ARG A 64 -18.58 1.45 0.01
CA ARG A 64 -18.54 0.15 -0.64
C ARG A 64 -17.52 -0.76 0.04
N PHE A 65 -16.39 -0.22 0.51
CA PHE A 65 -15.45 -1.07 1.22
C PHE A 65 -16.05 -1.59 2.53
N LEU A 66 -16.72 -0.73 3.30
CA LEU A 66 -17.33 -1.22 4.53
C LEU A 66 -18.45 -2.20 4.25
N ALA A 67 -19.15 -2.06 3.12
CA ALA A 67 -20.20 -3.01 2.76
C ALA A 67 -19.63 -4.39 2.46
N HIS A 68 -18.34 -4.49 2.10
CA HIS A 68 -17.72 -5.75 1.77
C HIS A 68 -16.70 -6.18 2.81
N GLY A 69 -16.81 -5.70 4.04
CA GLY A 69 -15.80 -6.01 5.03
C GLY A 69 -16.34 -5.86 6.44
N GLU A 70 -15.49 -6.20 7.40
CA GLU A 70 -15.87 -6.13 8.81
C GLU A 70 -14.80 -5.35 9.56
N GLN A 71 -15.26 -4.36 10.34
CA GLN A 71 -14.37 -3.57 11.17
C GLN A 71 -14.07 -4.33 12.45
N PHE A 72 -12.80 -4.33 12.85
CA PHE A 72 -12.49 -4.90 14.15
C PHE A 72 -11.29 -4.16 14.73
N ARG A 73 -11.09 -4.33 16.03
CA ARG A 73 -10.06 -3.61 16.78
C ARG A 73 -9.56 -4.55 17.88
N VAL A 74 -8.67 -5.45 17.50
CA VAL A 74 -8.18 -6.45 18.43
C VAL A 74 -6.67 -6.26 18.58
N GLY A 75 -5.99 -7.27 19.11
CA GLY A 75 -4.57 -7.18 19.35
C GLY A 75 -3.73 -7.79 18.25
N GLY A 76 -2.42 -7.67 18.43
CA GLY A 76 -1.46 -8.49 17.73
C GLY A 76 -0.99 -8.01 16.38
N PHE A 77 -1.28 -6.76 16.00
CA PHE A 77 -0.92 -6.36 14.65
C PHE A 77 0.58 -6.10 14.47
N PHE A 78 1.34 -5.89 15.56
CA PHE A 78 2.78 -5.67 15.44
C PHE A 78 3.51 -6.93 15.93
N ALA A 79 4.13 -7.65 14.99
CA ALA A 79 4.87 -8.88 15.29
C ALA A 79 4.07 -9.84 16.15
N GLY A 80 2.75 -9.81 16.00
CA GLY A 80 1.93 -10.72 16.77
C GLY A 80 1.83 -10.46 18.24
N LEU A 81 2.25 -9.29 18.72
CA LEU A 81 2.18 -8.98 20.15
C LEU A 81 0.75 -8.55 20.48
N ALA A 82 0.02 -9.44 21.17
CA ALA A 82 -1.33 -9.14 21.59
C ALA A 82 -1.37 -7.87 22.43
N ALA A 83 -2.32 -7.00 22.14
CA ALA A 83 -2.44 -5.75 22.89
C ALA A 83 -3.75 -5.09 22.53
N GLU A 84 -4.43 -4.53 23.53
CA GLU A 84 -5.62 -3.74 23.28
C GLU A 84 -5.42 -2.79 22.09
N TRP A 85 -6.49 -2.48 21.41
CA TRP A 85 -6.41 -1.47 20.37
C TRP A 85 -6.10 -0.12 21.02
N PRO A 86 -5.17 0.65 20.46
CA PRO A 86 -4.84 1.96 21.08
C PRO A 86 -6.07 2.83 21.15
N ALA A 87 -6.41 3.26 22.36
CA ALA A 87 -7.63 4.03 22.58
C ALA A 87 -7.59 5.41 21.94
N ASP A 88 -6.40 5.95 21.67
CA ASP A 88 -6.26 7.32 21.21
C ASP A 88 -5.45 7.39 19.92
N LEU A 89 -5.62 6.41 19.03
CA LEU A 89 -5.04 6.51 17.70
C LEU A 89 -5.51 7.79 17.03
N ASP A 90 -4.59 8.50 16.39
CA ASP A 90 -4.88 9.85 15.87
C ASP A 90 -5.46 9.77 14.45
N THR A 91 -6.66 9.20 14.37
CA THR A 91 -7.41 9.07 13.13
C THR A 91 -8.90 9.02 13.46
N ALA A 92 -9.72 9.49 12.51
CA ALA A 92 -11.15 9.27 12.62
C ALA A 92 -11.55 7.88 12.17
N HIS A 93 -10.63 7.14 11.55
CA HIS A 93 -10.92 5.80 11.08
C HIS A 93 -10.09 4.80 11.88
N SER A 94 -10.33 4.76 13.19
CA SER A 94 -9.49 3.99 14.11
C SER A 94 -10.03 2.58 14.20
N TYR A 95 -9.72 1.78 13.18
CA TYR A 95 -10.08 0.37 13.16
C TYR A 95 -9.31 -0.30 12.04
N VAL A 96 -9.43 -1.63 11.99
CA VAL A 96 -8.90 -2.45 10.91
C VAL A 96 -10.09 -2.96 10.10
N LEU A 97 -9.96 -2.96 8.78
CA LEU A 97 -11.01 -3.44 7.89
C LEU A 97 -10.66 -4.83 7.37
N ALA A 98 -11.32 -5.85 7.89
CA ALA A 98 -11.14 -7.22 7.39
C ALA A 98 -11.88 -7.34 6.07
N ILE A 99 -11.13 -7.52 4.98
CA ILE A 99 -11.70 -7.69 3.65
C ILE A 99 -10.65 -8.42 2.82
N PRO A 100 -10.99 -9.55 2.21
CA PRO A 100 -9.99 -10.28 1.41
C PRO A 100 -9.46 -9.40 0.28
N GLN A 101 -8.15 -9.50 0.03
CA GLN A 101 -7.54 -8.70 -1.03
C GLN A 101 -8.18 -8.98 -2.39
N VAL A 102 -8.69 -10.19 -2.63
CA VAL A 102 -9.40 -10.43 -3.90
C VAL A 102 -10.60 -9.50 -4.02
N VAL A 103 -11.32 -9.27 -2.92
CA VAL A 103 -12.43 -8.33 -2.95
C VAL A 103 -11.94 -6.90 -3.06
N THR A 104 -10.82 -6.57 -2.40
CA THR A 104 -10.24 -5.24 -2.60
C THR A 104 -9.91 -5.02 -4.07
N GLU A 105 -9.28 -6.01 -4.71
CA GLU A 105 -8.93 -5.90 -6.13
C GLU A 105 -10.19 -5.78 -7.00
N ARG A 106 -11.23 -6.56 -6.71
CA ARG A 106 -12.48 -6.37 -7.46
C ARG A 106 -12.99 -4.95 -7.33
N LEU A 107 -13.03 -4.44 -6.09
CA LEU A 107 -13.60 -3.11 -5.88
C LEU A 107 -12.80 -2.06 -6.62
N LEU A 108 -11.47 -2.19 -6.61
CA LEU A 108 -10.66 -1.21 -7.31
C LEU A 108 -10.79 -1.36 -8.83
N THR A 109 -11.02 -2.58 -9.32
CA THR A 109 -11.21 -2.79 -10.76
C THR A 109 -12.52 -2.16 -11.25
N GLU A 110 -13.61 -2.39 -10.52
CA GLU A 110 -14.89 -1.80 -10.92
C GLU A 110 -14.81 -0.26 -10.92
N HIS A 111 -14.16 0.32 -9.90
CA HIS A 111 -14.04 1.77 -9.81
C HIS A 111 -13.19 2.32 -10.95
N ALA A 112 -12.02 1.71 -11.19
CA ALA A 112 -11.19 2.11 -12.31
C ALA A 112 -11.96 2.04 -13.64
N THR A 113 -12.73 0.97 -13.84
CA THR A 113 -13.50 0.85 -15.06
C THR A 113 -14.62 1.88 -15.13
N GLU A 114 -15.39 2.02 -14.04
CA GLU A 114 -16.50 2.97 -14.09
C GLU A 114 -15.98 4.39 -14.35
N LEU A 115 -14.72 4.67 -14.02
CA LEU A 115 -14.15 5.99 -14.30
C LEU A 115 -13.54 6.11 -15.69
N GLY A 116 -13.55 5.04 -16.50
CA GLY A 116 -13.05 5.14 -17.85
C GLY A 116 -11.60 4.74 -18.06
N ALA A 117 -10.98 4.11 -17.07
CA ALA A 117 -9.70 3.45 -17.34
C ALA A 117 -9.97 2.23 -18.20
N GLU A 118 -9.08 1.96 -19.14
CA GLU A 118 -9.20 0.79 -20.01
C GLU A 118 -8.31 -0.30 -19.46
N ILE A 119 -8.91 -1.34 -18.91
CA ILE A 119 -8.18 -2.51 -18.45
C ILE A 119 -8.13 -3.53 -19.58
N ARG A 120 -6.92 -3.97 -19.93
CA ARG A 120 -6.74 -4.95 -20.99
C ARG A 120 -6.10 -6.19 -20.35
N ARG A 121 -6.87 -7.27 -20.25
CA ARG A 121 -6.35 -8.50 -19.68
C ARG A 121 -5.75 -9.37 -20.77
N GLY A 122 -4.88 -10.28 -20.36
CA GLY A 122 -4.18 -11.10 -21.33
C GLY A 122 -3.06 -10.37 -22.05
N CYS A 123 -2.58 -9.27 -21.49
CA CYS A 123 -1.62 -8.39 -22.15
C CYS A 123 -0.40 -8.31 -21.24
N GLU A 124 0.71 -8.90 -21.68
CA GLU A 124 1.92 -8.99 -20.88
C GLU A 124 2.96 -8.05 -21.45
N VAL A 125 3.44 -7.11 -20.64
CA VAL A 125 4.52 -6.25 -21.09
C VAL A 125 5.80 -7.08 -21.12
N ALA A 126 6.44 -7.12 -22.29
CA ALA A 126 7.70 -7.84 -22.47
C ALA A 126 8.89 -6.93 -22.74
N GLY A 127 8.66 -5.72 -23.24
CA GLY A 127 9.77 -4.83 -23.54
C GLY A 127 9.31 -3.39 -23.52
N LEU A 128 10.27 -2.48 -23.45
CA LEU A 128 9.96 -1.05 -23.47
C LEU A 128 11.06 -0.31 -24.21
N ASP A 129 10.69 0.85 -24.74
CA ASP A 129 11.60 1.73 -25.46
C ASP A 129 11.11 3.15 -25.23
N GLN A 130 11.86 3.95 -24.46
CA GLN A 130 11.45 5.32 -24.20
C GLN A 130 12.40 6.30 -24.86
N ASP A 131 11.87 7.47 -25.20
CA ASP A 131 12.67 8.57 -25.73
C ASP A 131 12.15 9.87 -25.15
N ALA A 132 12.49 10.99 -25.78
CA ALA A 132 12.19 12.30 -25.20
C ALA A 132 10.70 12.59 -25.12
N ASP A 133 9.86 11.89 -25.90
CA ASP A 133 8.44 12.24 -25.96
C ASP A 133 7.50 11.17 -25.41
N GLY A 134 7.97 9.96 -25.17
CA GLY A 134 7.06 8.94 -24.68
C GLY A 134 7.74 7.61 -24.49
N VAL A 135 6.91 6.59 -24.27
CA VAL A 135 7.36 5.22 -24.05
C VAL A 135 6.55 4.32 -24.97
N THR A 136 7.21 3.34 -25.55
CA THR A 136 6.55 2.28 -26.30
C THR A 136 6.65 1.02 -25.45
N ALA A 137 5.52 0.42 -25.14
CA ALA A 137 5.52 -0.88 -24.50
C ALA A 137 5.40 -1.94 -25.58
N GLU A 138 6.29 -2.94 -25.54
CA GLU A 138 6.18 -4.11 -26.39
C GLU A 138 5.48 -5.21 -25.61
N LEU A 139 4.43 -5.77 -26.19
CA LEU A 139 3.69 -6.83 -25.54
C LEU A 139 4.22 -8.19 -26.00
N ALA A 140 3.91 -9.22 -25.22
CA ALA A 140 4.48 -10.55 -25.45
C ALA A 140 4.05 -11.15 -26.79
N ASP A 141 2.99 -10.63 -27.41
CA ASP A 141 2.57 -11.13 -28.72
C ASP A 141 3.13 -10.29 -29.87
N GLY A 142 4.02 -9.36 -29.60
CA GLY A 142 4.60 -8.54 -30.63
C GLY A 142 3.90 -7.21 -30.86
N THR A 143 2.72 -7.02 -30.29
CA THR A 143 2.04 -5.75 -30.50
C THR A 143 2.70 -4.66 -29.65
N ARG A 144 2.54 -3.42 -30.09
CA ARG A 144 3.22 -2.28 -29.49
C ARG A 144 2.22 -1.20 -29.12
N LEU A 145 2.45 -0.53 -27.99
CA LEU A 145 1.59 0.53 -27.49
C LEU A 145 2.43 1.74 -27.12
N ARG A 146 1.99 2.93 -27.54
CA ARG A 146 2.69 4.17 -27.28
C ARG A 146 1.92 5.01 -26.26
N ALA A 147 2.65 5.67 -25.37
CA ALA A 147 2.03 6.58 -24.41
C ALA A 147 3.05 7.64 -24.00
N ARG A 148 2.61 8.57 -23.16
CA ARG A 148 3.53 9.58 -22.66
C ARG A 148 4.35 9.06 -21.49
N TYR A 149 3.75 8.22 -20.64
CA TYR A 149 4.41 7.68 -19.47
C TYR A 149 4.06 6.21 -19.33
N LEU A 150 4.92 5.48 -18.67
CA LEU A 150 4.69 4.08 -18.38
C LEU A 150 4.98 3.87 -16.91
N VAL A 151 4.04 3.27 -16.18
CA VAL A 151 4.25 2.95 -14.76
C VAL A 151 4.27 1.44 -14.60
N GLY A 152 5.40 0.93 -14.12
CA GLY A 152 5.49 -0.47 -13.76
C GLY A 152 4.87 -0.74 -12.40
N CYS A 153 3.66 -1.30 -12.44
CA CYS A 153 2.95 -1.80 -11.26
C CYS A 153 2.83 -3.32 -11.35
N ASP A 154 3.90 -3.97 -11.82
CA ASP A 154 3.84 -5.36 -12.22
C ASP A 154 4.46 -6.30 -11.18
N GLY A 155 4.50 -5.88 -9.93
CA GLY A 155 4.73 -6.81 -8.83
C GLY A 155 6.20 -7.02 -8.50
N GLY A 156 6.42 -7.90 -7.51
CA GLY A 156 7.73 -8.02 -6.89
C GLY A 156 8.82 -8.51 -7.83
N ARG A 157 8.45 -9.26 -8.87
CA ARG A 157 9.38 -9.68 -9.92
C ARG A 157 9.17 -8.87 -11.19
N SER A 158 8.98 -7.56 -11.00
CA SER A 158 8.61 -6.61 -12.05
C SER A 158 9.46 -6.77 -13.31
N THR A 159 8.76 -6.94 -14.44
CA THR A 159 9.41 -6.89 -15.73
C THR A 159 9.92 -5.49 -16.06
N VAL A 160 9.16 -4.46 -15.69
CA VAL A 160 9.58 -3.09 -15.98
C VAL A 160 10.88 -2.78 -15.23
N ARG A 161 10.92 -3.10 -13.94
CA ARG A 161 12.14 -2.86 -13.16
C ARG A 161 13.36 -3.51 -13.79
N ARG A 162 13.25 -4.79 -14.13
CA ARG A 162 14.37 -5.52 -14.75
C ARG A 162 14.80 -4.85 -16.05
N LEU A 163 13.84 -4.55 -16.93
CA LEU A 163 14.18 -3.97 -18.23
C LEU A 163 14.87 -2.63 -18.08
N LEU A 164 14.47 -1.83 -17.08
CA LEU A 164 15.12 -0.55 -16.82
C LEU A 164 16.54 -0.73 -16.28
N GLY A 165 16.87 -1.89 -15.71
CA GLY A 165 18.17 -2.07 -15.07
C GLY A 165 18.30 -1.39 -13.72
N VAL A 166 17.18 -0.96 -13.14
CA VAL A 166 17.19 -0.31 -11.83
C VAL A 166 17.66 -1.30 -10.77
N ASP A 167 18.74 -0.94 -10.08
CA ASP A 167 19.29 -1.83 -9.07
C ASP A 167 18.31 -2.00 -7.91
N PHE A 168 18.29 -3.21 -7.34
CA PHE A 168 17.31 -3.63 -6.34
C PHE A 168 18.00 -4.02 -5.04
N PRO A 169 18.76 -3.11 -4.44
CA PRO A 169 19.60 -3.51 -3.30
C PRO A 169 18.76 -3.89 -2.10
N GLY A 170 19.38 -4.65 -1.21
CA GLY A 170 18.78 -4.96 0.07
C GLY A 170 19.42 -6.20 0.66
N GLU A 171 18.71 -6.76 1.66
CA GLU A 171 19.09 -8.01 2.31
C GLU A 171 18.48 -9.18 1.56
N PRO A 172 19.26 -10.17 1.14
CA PRO A 172 18.70 -11.30 0.40
C PRO A 172 17.88 -12.19 1.31
N THR A 173 17.14 -13.09 0.67
CA THR A 173 16.40 -14.10 1.44
C THR A 173 17.36 -14.96 2.25
N ARG A 174 17.09 -15.09 3.54
CA ARG A 174 17.75 -16.06 4.39
C ARG A 174 16.81 -17.10 4.98
N VAL A 175 15.52 -16.82 5.01
CA VAL A 175 14.51 -17.71 5.57
C VAL A 175 13.34 -17.78 4.61
N GLU A 176 12.91 -19.00 4.26
CA GLU A 176 11.74 -19.22 3.41
C GLU A 176 10.58 -19.76 4.23
N THR A 177 9.38 -19.53 3.71
CA THR A 177 8.13 -19.93 4.34
C THR A 177 7.21 -20.52 3.29
N LEU A 178 6.48 -21.58 3.66
CA LEU A 178 5.47 -22.16 2.78
C LEU A 178 4.09 -21.63 3.13
N LEU A 179 3.25 -21.49 2.10
CA LEU A 179 1.84 -21.17 2.26
C LEU A 179 1.03 -22.18 1.45
N ALA A 180 0.02 -22.76 2.07
CA ALA A 180 -0.83 -23.71 1.38
C ALA A 180 -2.28 -23.50 1.77
N ASP A 181 -3.18 -23.58 0.78
CA ASP A 181 -4.61 -23.58 1.01
C ASP A 181 -5.10 -24.99 0.72
N VAL A 182 -5.31 -25.78 1.78
CA VAL A 182 -5.50 -27.22 1.67
C VAL A 182 -6.66 -27.66 2.57
N ARG A 183 -7.17 -28.84 2.28
CA ARG A 183 -8.11 -29.54 3.14
C ARG A 183 -7.34 -30.40 4.14
N ILE A 184 -7.98 -30.68 5.26
CA ILE A 184 -7.32 -31.46 6.30
C ILE A 184 -8.17 -32.65 6.70
N ASP A 185 -7.49 -33.69 7.19
CA ASP A 185 -8.14 -34.94 7.60
C ASP A 185 -8.47 -34.96 9.09
N VAL A 186 -8.34 -33.82 9.78
CA VAL A 186 -8.69 -33.70 11.19
C VAL A 186 -9.69 -32.55 11.35
N PRO A 187 -10.45 -32.55 12.43
CA PRO A 187 -11.41 -31.45 12.65
C PRO A 187 -10.69 -30.12 12.85
N VAL A 188 -11.47 -29.04 12.79
CA VAL A 188 -10.89 -27.71 12.97
C VAL A 188 -10.40 -27.51 14.40
N GLU A 189 -11.12 -28.06 15.38
CA GLU A 189 -10.75 -27.89 16.77
C GLU A 189 -9.39 -28.53 17.07
N THR A 190 -9.14 -29.71 16.48
CA THR A 190 -7.84 -30.35 16.61
C THR A 190 -6.76 -29.48 15.98
N LEU A 191 -7.04 -28.92 14.80
CA LEU A 191 -6.07 -28.08 14.11
C LEU A 191 -5.68 -26.88 14.96
N THR A 192 -6.67 -26.14 15.47
CA THR A 192 -6.37 -24.91 16.20
C THR A 192 -5.68 -25.19 17.54
N ALA A 193 -6.01 -26.31 18.18
CA ALA A 193 -5.33 -26.66 19.42
C ALA A 193 -3.85 -26.93 19.19
N VAL A 194 -3.52 -27.68 18.13
CA VAL A 194 -2.13 -27.95 17.80
C VAL A 194 -1.39 -26.68 17.40
N VAL A 195 -2.09 -25.78 16.69
CA VAL A 195 -1.48 -24.52 16.29
C VAL A 195 -1.15 -23.68 17.51
N ALA A 196 -2.10 -23.56 18.44
CA ALA A 196 -1.82 -22.79 19.65
C ALA A 196 -0.61 -23.35 20.39
N GLU A 197 -0.47 -24.68 20.41
CA GLU A 197 0.65 -25.29 21.12
C GLU A 197 1.97 -25.04 20.40
N VAL A 198 2.01 -25.31 19.09
CA VAL A 198 3.25 -25.13 18.34
C VAL A 198 3.73 -23.69 18.41
N ARG A 199 2.78 -22.75 18.41
CA ARG A 199 3.12 -21.33 18.36
C ARG A 199 3.93 -20.91 19.58
N LYS A 200 3.75 -21.57 20.71
CA LYS A 200 4.53 -21.24 21.89
C LYS A 200 6.03 -21.41 21.64
N THR A 201 6.40 -22.27 20.68
CA THR A 201 7.78 -22.44 20.26
C THR A 201 8.09 -21.70 18.97
N GLN A 202 7.27 -21.91 17.94
CA GLN A 202 7.56 -21.46 16.57
C GLN A 202 6.47 -20.47 16.15
N LEU A 203 6.80 -19.18 16.23
CA LEU A 203 5.81 -18.17 15.94
C LEU A 203 5.53 -18.02 14.44
N ARG A 204 6.35 -18.58 13.57
CA ARG A 204 6.10 -18.43 12.14
C ARG A 204 5.02 -19.37 11.61
N PHE A 205 4.50 -20.27 12.45
CA PHE A 205 3.47 -21.22 12.06
C PHE A 205 2.10 -20.60 12.30
N GLY A 206 1.17 -20.84 11.38
CA GLY A 206 -0.19 -20.34 11.53
C GLY A 206 -1.17 -21.12 10.69
N ALA A 207 -2.44 -21.02 11.05
CA ALA A 207 -3.51 -21.70 10.31
C ALA A 207 -4.78 -20.87 10.40
N VAL A 208 -5.32 -20.51 9.23
CA VAL A 208 -6.51 -19.68 9.13
C VAL A 208 -7.54 -20.41 8.26
N PRO A 209 -8.73 -20.69 8.76
CA PRO A 209 -9.74 -21.32 7.90
C PRO A 209 -10.25 -20.35 6.86
N ALA A 210 -10.50 -20.88 5.66
CA ALA A 210 -11.47 -20.30 4.76
C ALA A 210 -12.78 -21.04 5.00
N GLY A 211 -13.88 -20.45 4.53
CA GLY A 211 -15.19 -20.94 4.97
C GLY A 211 -15.58 -22.30 4.43
N ASP A 212 -14.90 -22.81 3.40
CA ASP A 212 -15.37 -23.94 2.60
C ASP A 212 -14.69 -25.25 2.96
N GLY A 213 -14.11 -25.35 4.16
CA GLY A 213 -13.35 -26.53 4.52
C GLY A 213 -11.91 -26.52 4.07
N PHE A 214 -11.48 -25.48 3.37
CA PHE A 214 -10.07 -25.25 3.08
C PHE A 214 -9.47 -24.39 4.18
N PHE A 215 -8.20 -24.64 4.48
CA PHE A 215 -7.46 -23.91 5.50
C PHE A 215 -6.19 -23.34 4.90
N ARG A 216 -5.84 -22.13 5.31
CA ARG A 216 -4.59 -21.52 4.91
C ARG A 216 -3.53 -21.87 5.96
N LEU A 217 -2.48 -22.56 5.54
CA LEU A 217 -1.40 -22.96 6.44
C LEU A 217 -0.14 -22.20 6.07
N ILE A 218 0.52 -21.66 7.09
CA ILE A 218 1.79 -20.96 6.97
C ILE A 218 2.78 -21.75 7.79
N VAL A 219 3.82 -22.25 7.15
CA VAL A 219 4.74 -23.13 7.87
C VAL A 219 6.15 -22.89 7.36
N PRO A 220 7.15 -22.82 8.25
CA PRO A 220 8.52 -22.56 7.80
C PRO A 220 9.00 -23.61 6.81
N ALA A 221 9.74 -23.17 5.80
CA ALA A 221 10.40 -24.12 4.91
C ALA A 221 11.62 -24.70 5.60
N GLN A 222 12.12 -25.79 5.04
CA GLN A 222 13.33 -26.44 5.53
C GLN A 222 14.49 -25.96 4.66
N GLY A 223 15.28 -25.04 5.21
CA GLY A 223 16.36 -24.40 4.48
C GLY A 223 15.86 -23.46 3.41
N LEU A 224 16.77 -23.10 2.51
CA LEU A 224 16.43 -22.41 1.28
C LEU A 224 16.31 -23.42 0.15
N SER A 225 15.59 -23.04 -0.88
CA SER A 225 15.39 -23.92 -2.03
C SER A 225 16.39 -23.56 -3.13
N ALA A 226 16.86 -24.59 -3.83
CA ALA A 226 17.73 -24.37 -4.99
C ALA A 226 16.96 -23.68 -6.11
N ASP A 227 15.73 -24.14 -6.39
CA ASP A 227 15.00 -23.73 -7.57
C ASP A 227 14.13 -22.50 -7.35
N ARG A 228 13.77 -22.18 -6.10
CA ARG A 228 12.90 -21.04 -5.79
C ARG A 228 11.56 -21.14 -6.50
N ALA A 229 11.11 -22.36 -6.80
CA ALA A 229 9.86 -22.59 -7.50
C ALA A 229 8.74 -22.86 -6.47
N ALA A 230 7.56 -23.23 -6.96
CA ALA A 230 6.47 -23.59 -6.06
C ALA A 230 6.76 -24.94 -5.40
N PRO A 231 6.36 -25.13 -4.15
CA PRO A 231 6.59 -26.40 -3.47
C PRO A 231 5.50 -27.44 -3.77
N THR A 232 5.86 -28.70 -3.56
CA THR A 232 4.94 -29.81 -3.77
C THR A 232 4.20 -30.13 -2.48
N LEU A 233 3.13 -30.92 -2.60
CA LEU A 233 2.38 -31.32 -1.41
C LEU A 233 3.26 -32.08 -0.44
N ASP A 234 4.17 -32.89 -0.99
CA ASP A 234 5.07 -33.67 -0.14
C ASP A 234 6.00 -32.76 0.66
N GLU A 235 6.54 -31.71 0.04
CA GLU A 235 7.38 -30.79 0.81
C GLU A 235 6.58 -30.13 1.92
N LEU A 236 5.31 -29.80 1.66
CA LEU A 236 4.47 -29.24 2.71
C LEU A 236 4.34 -30.21 3.88
N LYS A 237 4.13 -31.49 3.58
CA LYS A 237 4.07 -32.51 4.63
C LYS A 237 5.38 -32.59 5.39
N ARG A 238 6.51 -32.55 4.68
CA ARG A 238 7.82 -32.56 5.35
C ARG A 238 7.96 -31.38 6.30
N CYS A 239 7.61 -30.17 5.84
CA CYS A 239 7.74 -28.97 6.68
C CYS A 239 6.72 -28.97 7.81
N LEU A 240 5.49 -29.43 7.55
CA LEU A 240 4.52 -29.53 8.64
C LEU A 240 4.96 -30.54 9.69
N HIS A 241 5.47 -31.69 9.26
CA HIS A 241 5.92 -32.70 10.22
C HIS A 241 7.02 -32.15 11.10
N ALA A 242 7.99 -31.45 10.52
CA ALA A 242 9.11 -30.93 11.30
C ALA A 242 8.63 -29.88 12.29
N THR A 243 7.71 -29.00 11.87
CA THR A 243 7.31 -27.88 12.73
C THR A 243 6.24 -28.29 13.74
N ALA A 244 5.25 -29.09 13.33
CA ALA A 244 4.12 -29.39 14.20
C ALA A 244 3.98 -30.87 14.58
N GLY A 245 4.84 -31.76 14.08
CA GLY A 245 4.76 -33.16 14.41
C GLY A 245 3.80 -33.99 13.58
N THR A 246 2.78 -33.33 13.02
CA THR A 246 1.73 -33.95 12.22
C THR A 246 1.54 -33.14 10.95
N ASP A 247 1.02 -33.77 9.90
CA ASP A 247 0.65 -33.05 8.69
C ASP A 247 -0.86 -32.84 8.58
N PHE A 248 -1.62 -33.22 9.61
CA PHE A 248 -3.08 -33.03 9.66
C PHE A 248 -3.79 -33.69 8.48
N GLY A 249 -3.12 -34.62 7.79
CA GLY A 249 -3.68 -35.22 6.59
C GLY A 249 -3.92 -34.25 5.45
N VAL A 250 -3.07 -33.22 5.31
CA VAL A 250 -3.23 -32.25 4.23
C VAL A 250 -3.39 -32.98 2.90
N HIS A 251 -4.33 -32.52 2.08
CA HIS A 251 -4.59 -33.13 0.79
C HIS A 251 -5.30 -32.14 -0.12
N SER A 252 -5.22 -32.43 -1.43
CA SER A 252 -5.81 -31.67 -2.54
C SER A 252 -5.59 -30.16 -2.40
N PRO A 253 -4.35 -29.69 -2.51
CA PRO A 253 -4.11 -28.24 -2.44
C PRO A 253 -4.80 -27.50 -3.56
N ARG A 254 -5.30 -26.32 -3.24
CA ARG A 254 -5.72 -25.38 -4.27
C ARG A 254 -4.79 -24.19 -4.36
N TRP A 255 -3.84 -24.07 -3.45
CA TRP A 255 -2.76 -23.10 -3.61
C TRP A 255 -1.52 -23.61 -2.88
N LEU A 256 -0.40 -23.67 -3.60
CA LEU A 256 0.89 -24.01 -3.04
C LEU A 256 1.87 -22.90 -3.40
N SER A 257 2.58 -22.39 -2.40
CA SER A 257 3.43 -21.24 -2.64
C SER A 257 4.61 -21.24 -1.67
N ARG A 258 5.61 -20.44 -2.03
CA ARG A 258 6.80 -20.23 -1.23
C ARG A 258 7.09 -18.74 -1.21
N PHE A 259 7.68 -18.26 -0.13
CA PHE A 259 8.15 -16.88 -0.16
C PHE A 259 9.31 -16.71 0.81
N GLY A 260 10.14 -15.72 0.54
CA GLY A 260 11.31 -15.42 1.33
C GLY A 260 11.16 -14.12 2.07
N ASP A 261 12.12 -13.87 2.96
CA ASP A 261 12.11 -12.69 3.80
C ASP A 261 12.97 -11.56 3.24
N ALA A 262 13.41 -11.67 1.98
CA ALA A 262 14.22 -10.64 1.38
C ALA A 262 13.53 -9.28 1.45
N THR A 263 14.32 -8.24 1.72
CA THR A 263 13.86 -6.86 1.68
C THR A 263 14.69 -6.11 0.67
N ARG A 264 14.07 -5.70 -0.45
CA ARG A 264 14.77 -4.96 -1.49
C ARG A 264 13.98 -3.73 -1.88
N LEU A 265 14.70 -2.70 -2.32
CA LEU A 265 14.11 -1.39 -2.58
C LEU A 265 14.74 -0.83 -3.84
N ALA A 266 13.90 -0.45 -4.81
CA ALA A 266 14.42 0.01 -6.08
C ALA A 266 15.22 1.27 -5.86
N GLU A 267 16.35 1.40 -6.56
CA GLU A 267 17.23 2.54 -6.29
C GLU A 267 16.63 3.84 -6.81
N ARG A 268 15.86 3.77 -7.90
CA ARG A 268 15.22 4.93 -8.49
C ARG A 268 13.78 4.55 -8.79
N TYR A 269 12.83 5.29 -8.20
CA TYR A 269 11.44 5.09 -8.56
C TYR A 269 11.13 5.63 -9.94
N ARG A 270 11.93 6.56 -10.47
CA ARG A 270 11.65 7.14 -11.77
C ARG A 270 12.87 7.02 -12.68
N THR A 271 12.68 6.52 -13.90
CA THR A 271 13.76 6.47 -14.90
C THR A 271 13.22 7.17 -16.16
N GLY A 272 13.44 8.47 -16.26
CA GLY A 272 12.87 9.21 -17.39
C GLY A 272 11.37 9.18 -17.30
N ARG A 273 10.71 8.65 -18.34
CA ARG A 273 9.26 8.62 -18.42
C ARG A 273 8.65 7.34 -17.84
N VAL A 274 9.44 6.54 -17.13
CA VAL A 274 9.00 5.25 -16.61
C VAL A 274 9.18 5.25 -15.11
N LEU A 275 8.15 4.82 -14.39
CA LEU A 275 8.14 4.84 -12.94
C LEU A 275 7.77 3.45 -12.42
N LEU A 276 8.03 3.25 -11.13
CA LEU A 276 7.71 2.03 -10.42
C LEU A 276 6.85 2.36 -9.20
N ALA A 277 5.92 1.47 -8.86
CA ALA A 277 5.05 1.66 -7.71
C ALA A 277 4.68 0.29 -7.15
N GLY A 278 4.37 0.24 -5.84
CA GLY A 278 3.99 -1.04 -5.28
C GLY A 278 5.14 -2.04 -5.20
N ASP A 279 4.81 -3.34 -5.31
CA ASP A 279 5.80 -4.39 -5.17
C ASP A 279 6.87 -4.31 -6.25
N ALA A 280 6.60 -3.66 -7.38
CA ALA A 280 7.63 -3.42 -8.37
C ALA A 280 8.76 -2.54 -7.85
N ALA A 281 8.49 -1.71 -6.84
CA ALA A 281 9.49 -0.80 -6.30
C ALA A 281 10.10 -1.29 -4.99
N HIS A 282 9.53 -2.33 -4.39
CA HIS A 282 9.98 -2.81 -3.08
C HIS A 282 9.33 -4.14 -2.76
N ILE A 283 10.15 -5.06 -2.25
CA ILE A 283 9.66 -6.32 -1.72
C ILE A 283 10.02 -6.38 -0.24
N HIS A 284 9.29 -7.20 0.48
CA HIS A 284 9.52 -7.48 1.88
C HIS A 284 8.53 -8.58 2.31
N PRO A 285 8.82 -9.30 3.39
CA PRO A 285 8.05 -10.52 3.70
C PRO A 285 6.56 -10.24 3.85
N PRO A 286 5.71 -11.10 3.30
CA PRO A 286 4.27 -11.02 3.57
C PRO A 286 3.92 -11.21 5.05
N THR A 287 4.82 -11.80 5.83
CA THR A 287 4.48 -12.15 7.21
C THR A 287 4.11 -10.90 7.99
N GLY A 288 5.09 -10.06 8.30
CA GLY A 288 4.82 -8.83 9.02
C GLY A 288 4.83 -7.60 8.12
N GLY A 289 4.64 -7.82 6.82
CA GLY A 289 4.70 -6.74 5.86
C GLY A 289 3.41 -5.93 5.79
N GLN A 290 3.45 -4.87 4.97
CA GLN A 290 2.33 -3.94 4.75
C GLN A 290 2.20 -3.61 3.26
N GLY A 291 2.50 -4.56 2.38
CA GLY A 291 2.67 -4.26 0.97
C GLY A 291 1.41 -3.75 0.28
N LEU A 292 0.26 -4.32 0.64
CA LEU A 292 -0.99 -3.88 0.03
C LEU A 292 -1.24 -2.41 0.35
N ASN A 293 -1.19 -2.05 1.65
CA ASN A 293 -1.34 -0.66 2.03
C ASN A 293 -0.27 0.21 1.37
N LEU A 294 1.00 -0.26 1.43
CA LEU A 294 2.11 0.53 0.89
C LEU A 294 1.96 0.78 -0.60
N GLY A 295 1.56 -0.24 -1.35
CA GLY A 295 1.37 -0.06 -2.78
C GLY A 295 0.21 0.89 -3.09
N ILE A 296 -0.90 0.76 -2.37
CA ILE A 296 -2.02 1.68 -2.58
C ILE A 296 -1.58 3.11 -2.29
N GLN A 297 -0.74 3.29 -1.28
CA GLN A 297 -0.38 4.66 -0.95
C GLN A 297 0.73 5.21 -1.84
N ASP A 298 1.57 4.34 -2.44
CA ASP A 298 2.41 4.78 -3.55
C ASP A 298 1.55 5.35 -4.68
N ALA A 299 0.50 4.61 -5.07
CA ALA A 299 -0.34 5.07 -6.16
C ALA A 299 -1.02 6.37 -5.79
N PHE A 300 -1.44 6.50 -4.53
CA PHE A 300 -2.06 7.74 -4.07
C PHE A 300 -1.09 8.90 -4.11
N ASN A 301 0.21 8.66 -3.90
CA ASN A 301 1.20 9.72 -4.00
C ASN A 301 1.44 10.10 -5.46
N LEU A 302 1.51 9.11 -6.35
CA LEU A 302 1.94 9.36 -7.72
C LEU A 302 0.83 9.91 -8.61
N GLY A 303 -0.40 9.42 -8.43
CA GLY A 303 -1.51 9.75 -9.33
C GLY A 303 -1.70 11.22 -9.67
N TRP A 304 -1.94 12.06 -8.67
CA TRP A 304 -2.18 13.48 -8.96
C TRP A 304 -0.96 14.15 -9.55
N LYS A 305 0.23 13.70 -9.16
CA LYS A 305 1.46 14.29 -9.69
C LYS A 305 1.67 13.95 -11.16
N LEU A 306 1.41 12.69 -11.52
CA LEU A 306 1.52 12.28 -12.92
C LEU A 306 0.43 12.93 -13.75
N ALA A 307 -0.78 13.04 -13.19
CA ALA A 307 -1.84 13.76 -13.91
C ALA A 307 -1.46 15.21 -14.13
N ALA A 308 -0.81 15.83 -13.13
CA ALA A 308 -0.33 17.21 -13.30
C ALA A 308 0.68 17.30 -14.43
N ALA A 309 1.55 16.30 -14.58
CA ALA A 309 2.46 16.27 -15.71
C ALA A 309 1.70 16.21 -17.02
N ILE A 310 0.69 15.34 -17.09
CA ILE A 310 -0.10 15.22 -18.32
C ILE A 310 -0.85 16.51 -18.59
N GLY A 311 -1.38 17.15 -17.56
CA GLY A 311 -2.16 18.36 -17.75
C GLY A 311 -1.33 19.57 -18.14
N GLY A 312 -0.01 19.51 -17.96
CA GLY A 312 0.88 20.57 -18.37
C GLY A 312 1.24 21.59 -17.31
N TRP A 313 0.72 21.44 -16.09
CA TRP A 313 0.96 22.43 -15.04
C TRP A 313 1.94 21.97 -13.98
N ALA A 314 2.31 20.69 -13.96
CA ALA A 314 3.22 20.20 -12.95
C ALA A 314 4.48 21.07 -12.94
N PRO A 315 4.90 21.56 -11.77
CA PRO A 315 6.18 22.28 -11.70
C PRO A 315 7.34 21.35 -11.96
N PRO A 316 8.55 21.89 -12.14
CA PRO A 316 9.66 21.07 -12.66
C PRO A 316 10.10 19.92 -11.76
N ASP A 317 10.00 20.04 -10.44
CA ASP A 317 10.43 18.96 -9.56
C ASP A 317 9.30 18.06 -9.09
N LEU A 318 8.08 18.24 -9.59
CA LEU A 318 6.93 17.60 -8.95
C LEU A 318 7.00 16.09 -9.09
N LEU A 319 7.27 15.59 -10.29
CA LEU A 319 7.29 14.14 -10.51
C LEU A 319 8.39 13.48 -9.68
N ASP A 320 9.53 14.16 -9.54
CA ASP A 320 10.63 13.66 -8.71
C ASP A 320 10.28 13.59 -7.24
N SER A 321 9.29 14.37 -6.78
CA SER A 321 8.88 14.28 -5.38
C SER A 321 8.22 12.94 -5.06
N TYR A 322 7.80 12.19 -6.09
CA TYR A 322 7.30 10.83 -5.86
C TYR A 322 8.40 9.95 -5.29
N HIS A 323 9.53 9.83 -5.99
CA HIS A 323 10.65 9.09 -5.42
C HIS A 323 11.04 9.66 -4.05
N ASP A 324 11.21 10.98 -3.96
CA ASP A 324 11.76 11.59 -2.75
C ASP A 324 10.88 11.35 -1.53
N GLU A 325 9.58 11.16 -1.72
CA GLU A 325 8.72 10.96 -0.58
C GLU A 325 8.47 9.48 -0.28
N ARG A 326 8.26 8.67 -1.32
CA ARG A 326 7.83 7.29 -1.12
C ARG A 326 9.00 6.33 -0.95
N HIS A 327 10.18 6.65 -1.47
CA HIS A 327 11.34 5.77 -1.27
C HIS A 327 11.76 5.70 0.19
N PRO A 328 11.87 6.82 0.94
CA PRO A 328 12.12 6.69 2.39
C PRO A 328 11.04 5.93 3.15
N VAL A 329 9.76 6.12 2.79
CA VAL A 329 8.68 5.40 3.45
C VAL A 329 8.87 3.89 3.30
N ALA A 330 9.14 3.43 2.07
CA ALA A 330 9.35 2.00 1.88
C ALA A 330 10.56 1.51 2.66
N ALA A 331 11.64 2.31 2.68
CA ALA A 331 12.81 1.93 3.47
C ALA A 331 12.43 1.67 4.93
N GLU A 332 11.57 2.51 5.51
CA GLU A 332 11.20 2.32 6.91
C GLU A 332 10.27 1.12 7.09
N VAL A 333 9.36 0.89 6.13
CA VAL A 333 8.52 -0.31 6.19
C VAL A 333 9.40 -1.56 6.14
N LEU A 334 10.33 -1.60 5.19
CA LEU A 334 11.21 -2.75 5.08
C LEU A 334 11.99 -2.98 6.37
N ASP A 335 12.52 -1.91 6.96
CA ASP A 335 13.33 -2.05 8.18
C ASP A 335 12.47 -2.50 9.35
N ASN A 336 11.29 -1.90 9.51
CA ASN A 336 10.40 -2.28 10.58
C ASN A 336 9.89 -3.70 10.42
N THR A 337 9.74 -4.17 9.17
CA THR A 337 9.37 -5.56 8.95
C THR A 337 10.52 -6.50 9.32
N ARG A 338 11.77 -6.11 9.02
CA ARG A 338 12.89 -6.90 9.53
C ARG A 338 12.87 -6.96 11.05
N ALA A 339 12.60 -5.83 11.71
CA ALA A 339 12.49 -5.84 13.17
C ALA A 339 11.46 -6.85 13.61
N GLN A 340 10.28 -6.86 12.98
CA GLN A 340 9.22 -7.76 13.40
C GLN A 340 9.61 -9.21 13.17
N MET A 341 10.22 -9.53 12.02
CA MET A 341 10.65 -10.90 11.77
C MET A 341 11.60 -11.37 12.86
N THR A 342 12.53 -10.53 13.28
CA THR A 342 13.41 -10.89 14.37
C THR A 342 12.62 -11.21 15.63
N LEU A 343 11.57 -10.43 15.90
CA LEU A 343 10.79 -10.64 17.12
C LEU A 343 9.99 -11.93 17.09
N LEU A 344 9.86 -12.56 15.92
CA LEU A 344 9.22 -13.85 15.76
C LEU A 344 10.21 -14.99 15.76
N SER A 345 11.50 -14.70 15.83
CA SER A 345 12.55 -15.71 15.68
C SER A 345 12.52 -16.71 16.83
N LEU A 346 13.04 -17.92 16.54
CA LEU A 346 13.14 -18.99 17.52
C LEU A 346 14.27 -18.79 18.52
N ASP A 347 15.25 -17.95 18.20
CA ASP A 347 16.49 -17.95 18.95
C ASP A 347 16.29 -17.35 20.34
N PRO A 348 17.03 -17.82 21.34
CA PRO A 348 16.81 -17.34 22.73
C PRO A 348 17.04 -15.85 22.91
N GLY A 349 17.98 -15.27 22.17
CA GLY A 349 18.19 -13.84 22.21
C GLY A 349 16.96 -13.04 21.76
N PRO A 350 16.59 -13.21 20.49
CA PRO A 350 15.35 -12.57 20.01
C PRO A 350 14.14 -12.88 20.87
N ARG A 351 14.01 -14.11 21.36
CA ARG A 351 12.87 -14.43 22.21
C ARG A 351 12.90 -13.62 23.51
N ALA A 352 14.10 -13.38 24.08
CA ALA A 352 14.23 -12.50 25.23
C ALA A 352 13.81 -11.08 24.88
N VAL A 353 14.23 -10.58 23.72
CA VAL A 353 13.82 -9.24 23.31
C VAL A 353 12.30 -9.18 23.17
N ARG A 354 11.72 -10.26 22.62
CA ARG A 354 10.27 -10.31 22.48
C ARG A 354 9.56 -10.19 23.83
N ARG A 355 10.08 -10.85 24.87
CA ARG A 355 9.47 -10.74 26.19
C ARG A 355 9.52 -9.31 26.68
N LEU A 356 10.64 -8.61 26.43
CA LEU A 356 10.73 -7.19 26.78
C LEU A 356 9.67 -6.39 26.02
N MET A 357 9.58 -6.57 24.70
CA MET A 357 8.59 -5.85 23.90
C MET A 357 7.19 -6.09 24.42
N ALA A 358 6.89 -7.32 24.85
CA ALA A 358 5.59 -7.60 25.46
C ALA A 358 5.36 -6.73 26.70
N GLU A 359 6.41 -6.51 27.52
CA GLU A 359 6.25 -5.59 28.63
C GLU A 359 5.98 -4.17 28.12
N LEU A 360 6.70 -3.75 27.08
CA LEU A 360 6.61 -2.34 26.66
C LEU A 360 5.28 -2.01 25.99
N VAL A 361 4.67 -2.96 25.29
CA VAL A 361 3.42 -2.65 24.60
C VAL A 361 2.26 -2.43 25.57
N GLU A 362 2.43 -2.76 26.85
CA GLU A 362 1.41 -2.41 27.84
C GLU A 362 1.36 -0.92 28.12
N PHE A 363 2.34 -0.17 27.67
CA PHE A 363 2.29 1.28 27.77
C PHE A 363 1.50 1.84 26.60
N PRO A 364 0.46 2.64 26.84
CA PRO A 364 -0.34 3.16 25.71
C PRO A 364 0.48 3.89 24.66
N ASP A 365 1.47 4.71 25.07
CA ASP A 365 2.17 5.44 24.01
C ASP A 365 3.08 4.53 23.17
N VAL A 366 3.53 3.38 23.71
CA VAL A 366 4.21 2.39 22.86
C VAL A 366 3.22 1.75 21.89
N ASN A 367 2.08 1.29 22.41
CA ASN A 367 1.09 0.62 21.59
C ASN A 367 0.62 1.54 20.47
N ARG A 368 0.34 2.80 20.81
CA ARG A 368 -0.01 3.80 19.81
C ARG A 368 1.11 4.02 18.81
N HIS A 369 2.36 4.09 19.30
CA HIS A 369 3.48 4.32 18.40
C HIS A 369 3.62 3.21 17.37
N LEU A 370 3.50 1.95 17.81
CA LEU A 370 3.70 0.84 16.90
C LEU A 370 2.56 0.73 15.89
N ILE A 371 1.31 0.91 16.34
CA ILE A 371 0.18 0.79 15.43
C ILE A 371 0.13 1.97 14.46
N GLU A 372 0.39 3.18 14.94
CA GLU A 372 0.40 4.33 14.04
C GLU A 372 1.49 4.17 12.99
N LYS A 373 2.62 3.57 13.35
CA LYS A 373 3.66 3.28 12.36
C LYS A 373 3.14 2.31 11.30
N ILE A 374 2.72 1.11 11.71
CA ILE A 374 2.35 0.10 10.71
C ILE A 374 1.07 0.46 9.95
N THR A 375 0.11 1.16 10.59
CA THR A 375 -1.06 1.58 9.81
C THR A 375 -0.76 2.73 8.86
N ALA A 376 0.46 3.27 8.90
CA ALA A 376 0.95 4.34 8.05
C ALA A 376 0.34 5.69 8.37
N ILE A 377 -0.45 5.83 9.45
CA ILE A 377 -0.98 7.16 9.70
C ILE A 377 0.14 8.12 10.12
N ALA A 378 1.27 7.60 10.55
CA ALA A 378 2.35 8.45 11.06
C ALA A 378 3.29 8.96 9.97
N VAL A 379 3.03 8.65 8.70
CA VAL A 379 3.96 9.03 7.65
C VAL A 379 4.09 10.54 7.60
N ARG A 380 5.34 11.02 7.59
CA ARG A 380 5.60 12.45 7.43
C ARG A 380 6.62 12.66 6.33
N TYR A 381 6.19 13.27 5.23
CA TYR A 381 7.14 13.69 4.21
C TYR A 381 7.91 14.91 4.71
N ASP A 382 9.18 15.00 4.33
CA ASP A 382 10.01 16.15 4.65
C ASP A 382 9.74 17.22 3.59
N LEU A 383 8.77 18.09 3.86
CA LEU A 383 8.48 19.21 2.98
C LEU A 383 9.15 20.50 3.45
N GLY A 384 10.11 20.40 4.36
CA GLY A 384 11.03 21.50 4.65
C GLY A 384 10.48 22.60 5.54
N ASP A 385 9.45 22.32 6.33
CA ASP A 385 8.92 23.32 7.23
C ASP A 385 9.08 22.85 8.66
N GLY A 386 8.97 23.79 9.58
CA GLY A 386 9.07 23.48 10.99
C GLY A 386 7.78 22.95 11.59
N HIS A 387 6.64 23.51 11.16
CA HIS A 387 5.35 23.15 11.73
C HIS A 387 5.13 21.64 11.64
N ASP A 388 4.67 21.05 12.75
CA ASP A 388 4.65 19.59 12.85
C ASP A 388 3.67 18.97 11.85
N LEU A 389 2.57 19.67 11.54
CA LEU A 389 1.57 19.13 10.61
C LEU A 389 2.12 19.00 9.19
N VAL A 390 3.04 19.87 8.81
CA VAL A 390 3.49 19.96 7.42
C VAL A 390 4.22 18.67 7.07
N GLY A 391 3.77 17.99 6.01
CA GLY A 391 4.31 16.72 5.61
C GLY A 391 3.47 15.53 6.02
N ARG A 392 2.66 15.68 7.07
CA ARG A 392 1.73 14.64 7.50
C ARG A 392 0.42 14.78 6.75
N ARG A 393 -0.31 13.67 6.67
CA ARG A 393 -1.67 13.72 6.16
C ARG A 393 -2.57 14.27 7.26
N LEU A 394 -3.56 15.06 6.87
CA LEU A 394 -4.53 15.57 7.82
C LEU A 394 -5.65 14.54 7.99
N ARG A 395 -5.88 14.13 9.24
CA ARG A 395 -6.99 13.23 9.51
C ARG A 395 -8.31 13.88 9.12
N ASP A 396 -9.34 13.06 8.96
CA ASP A 396 -10.67 13.59 8.71
C ASP A 396 -11.14 14.38 9.93
N ILE A 397 -11.72 15.56 9.69
CA ILE A 397 -12.19 16.40 10.79
C ILE A 397 -13.62 16.88 10.51
N PRO A 398 -14.44 17.08 11.54
CA PRO A 398 -15.78 17.64 11.30
C PRO A 398 -15.69 19.07 10.77
N LEU A 399 -16.56 19.37 9.82
CA LEU A 399 -16.77 20.73 9.34
C LEU A 399 -17.97 21.31 10.08
N THR A 400 -18.38 22.52 9.71
CA THR A 400 -19.63 23.05 10.25
C THR A 400 -20.76 22.06 10.00
N GLU A 401 -20.93 21.67 8.74
CA GLU A 401 -21.77 20.56 8.33
C GLU A 401 -20.92 19.62 7.48
N GLY A 402 -20.95 18.34 7.79
CA GLY A 402 -20.17 17.38 7.04
C GLY A 402 -18.76 17.23 7.59
N ARG A 403 -17.92 16.60 6.78
CA ARG A 403 -16.56 16.30 7.19
C ARG A 403 -15.61 16.57 6.03
N LEU A 404 -14.34 16.80 6.40
CA LEU A 404 -13.33 17.20 5.45
C LEU A 404 -13.22 16.23 4.27
N TYR A 405 -13.23 14.93 4.54
CA TYR A 405 -12.96 13.98 3.46
C TYR A 405 -14.08 13.96 2.42
N GLU A 406 -15.28 14.41 2.77
CA GLU A 406 -16.34 14.50 1.79
C GLU A 406 -16.06 15.50 0.68
N ARG A 407 -15.11 16.41 0.88
CA ARG A 407 -14.81 17.43 -0.11
C ARG A 407 -13.63 17.08 -1.00
N MET A 408 -13.06 15.89 -0.86
CA MET A 408 -11.80 15.53 -1.53
C MET A 408 -11.99 14.56 -2.70
N ARG A 409 -13.23 14.30 -3.11
CA ARG A 409 -13.47 13.22 -4.05
C ARG A 409 -12.98 13.54 -5.45
N GLY A 410 -12.81 14.81 -5.80
CA GLY A 410 -12.20 15.15 -7.08
C GLY A 410 -10.69 14.96 -7.15
N GLY A 411 -10.04 14.68 -6.04
CA GLY A 411 -8.59 14.50 -6.08
C GLY A 411 -7.84 15.77 -6.43
N ARG A 412 -8.34 16.92 -6.00
CA ARG A 412 -7.68 18.19 -6.27
C ARG A 412 -7.13 18.73 -4.95
N GLY A 413 -6.43 19.86 -5.02
CA GLY A 413 -5.93 20.49 -3.82
C GLY A 413 -7.05 21.12 -3.02
N LEU A 414 -6.75 21.41 -1.75
CA LEU A 414 -7.77 21.95 -0.86
C LEU A 414 -7.11 22.86 0.16
N LEU A 415 -7.51 24.14 0.16
CA LEU A 415 -7.12 25.06 1.22
C LEU A 415 -8.25 25.08 2.25
N LEU A 416 -7.99 24.51 3.42
CA LEU A 416 -8.90 24.60 4.55
C LEU A 416 -8.62 25.91 5.29
N ASP A 417 -9.54 26.86 5.20
CA ASP A 417 -9.33 28.24 5.64
C ASP A 417 -10.35 28.56 6.73
N ARG A 418 -9.86 28.86 7.94
CA ARG A 418 -10.69 29.33 9.04
C ARG A 418 -10.56 30.82 9.28
N THR A 419 -9.60 31.48 8.62
CA THR A 419 -9.34 32.91 8.83
C THR A 419 -10.41 33.79 8.20
N GLY A 420 -11.12 33.29 7.19
CA GLY A 420 -12.05 34.12 6.43
C GLY A 420 -11.41 35.09 5.46
N ARG A 421 -10.10 34.98 5.23
CA ARG A 421 -9.36 36.04 4.55
C ARG A 421 -8.55 35.56 3.35
N LEU A 422 -8.08 34.32 3.37
CA LEU A 422 -7.15 33.86 2.35
C LEU A 422 -7.86 33.60 1.03
N SER A 423 -7.07 33.41 -0.02
CA SER A 423 -7.57 33.20 -1.37
C SER A 423 -6.55 32.43 -2.18
N VAL A 424 -7.02 31.46 -2.97
CA VAL A 424 -6.17 30.76 -3.93
C VAL A 424 -6.53 31.15 -5.37
N SER A 425 -7.11 32.34 -5.55
CA SER A 425 -7.43 32.82 -6.87
C SER A 425 -6.19 32.82 -7.76
N GLY A 426 -6.34 32.31 -8.97
CA GLY A 426 -5.23 32.03 -9.84
C GLY A 426 -4.88 30.56 -9.89
N TRP A 427 -5.37 29.80 -8.91
CA TRP A 427 -5.17 28.35 -8.83
C TRP A 427 -6.48 27.61 -8.63
N SER A 428 -7.63 28.27 -8.79
CA SER A 428 -8.91 27.68 -8.41
C SER A 428 -9.21 26.41 -9.21
N ASP A 429 -8.67 26.29 -10.43
CA ASP A 429 -8.87 25.09 -11.22
C ASP A 429 -8.17 23.88 -10.61
N ARG A 430 -7.16 24.11 -9.76
CA ARG A 430 -6.40 23.05 -9.13
C ARG A 430 -6.59 22.94 -7.63
N VAL A 431 -7.04 24.02 -6.96
CA VAL A 431 -7.15 24.04 -5.50
C VAL A 431 -8.51 24.64 -5.11
N ASP A 432 -9.31 23.87 -4.37
CA ASP A 432 -10.58 24.39 -3.88
C ASP A 432 -10.36 25.21 -2.62
N HIS A 433 -11.30 26.13 -2.34
CA HIS A 433 -11.23 26.97 -1.16
C HIS A 433 -12.36 26.55 -0.21
N LEU A 434 -11.98 25.87 0.86
CA LEU A 434 -12.92 25.41 1.89
C LEU A 434 -12.91 26.43 3.03
N ALA A 435 -13.79 27.43 2.91
CA ALA A 435 -13.82 28.55 3.84
C ALA A 435 -14.83 28.23 4.94
N ASP A 436 -14.35 27.70 6.07
CA ASP A 436 -15.24 27.24 7.13
C ASP A 436 -14.58 27.50 8.47
N PRO A 437 -14.89 28.64 9.11
CA PRO A 437 -14.31 28.93 10.43
C PRO A 437 -14.72 27.96 11.52
N GLY A 438 -15.80 27.20 11.32
CA GLY A 438 -16.18 26.19 12.27
C GLY A 438 -15.51 24.84 12.10
N ALA A 439 -14.58 24.72 11.16
CA ALA A 439 -13.88 23.46 10.99
C ALA A 439 -13.06 23.17 12.23
N ALA A 440 -13.03 21.88 12.63
CA ALA A 440 -12.46 21.47 13.91
C ALA A 440 -10.96 21.17 13.74
N LEU A 441 -10.21 22.22 13.45
CA LEU A 441 -8.76 22.13 13.32
C LEU A 441 -8.14 23.39 13.89
N ASP A 442 -7.22 23.23 14.84
CA ASP A 442 -6.72 24.37 15.62
C ASP A 442 -5.52 25.03 14.95
N VAL A 443 -5.64 25.29 13.66
CA VAL A 443 -4.68 26.11 12.93
C VAL A 443 -5.47 27.17 12.18
N PRO A 444 -4.83 28.29 11.81
CA PRO A 444 -5.59 29.32 11.07
C PRO A 444 -6.07 28.82 9.71
N ALA A 445 -5.18 28.15 8.98
CA ALA A 445 -5.48 27.57 7.68
C ALA A 445 -4.44 26.50 7.41
N ALA A 446 -4.74 25.60 6.46
CA ALA A 446 -3.78 24.60 6.01
C ALA A 446 -4.02 24.31 4.54
N LEU A 447 -2.94 24.30 3.76
CA LEU A 447 -2.97 23.92 2.36
C LEU A 447 -2.76 22.42 2.28
N LEU A 448 -3.75 21.72 1.75
CA LEU A 448 -3.67 20.26 1.55
C LEU A 448 -3.42 19.94 0.08
N ARG A 449 -2.42 19.09 -0.17
CA ARG A 449 -2.18 18.53 -1.48
C ARG A 449 -3.29 17.52 -1.81
N PRO A 450 -3.40 17.07 -3.07
CA PRO A 450 -4.45 16.12 -3.41
C PRO A 450 -4.35 14.78 -2.71
N ASP A 451 -3.22 14.45 -2.10
CA ASP A 451 -3.15 13.22 -1.32
C ASP A 451 -3.49 13.43 0.14
N GLY A 452 -3.91 14.63 0.53
CA GLY A 452 -4.26 14.90 1.91
C GLY A 452 -3.11 15.32 2.80
N HIS A 453 -1.89 15.39 2.27
CA HIS A 453 -0.74 15.77 3.07
C HIS A 453 -0.61 17.29 3.13
N VAL A 454 -0.29 17.79 4.32
CA VAL A 454 -0.30 19.23 4.58
C VAL A 454 0.95 19.86 3.97
N ALA A 455 0.75 20.80 3.04
CA ALA A 455 1.86 21.50 2.43
C ALA A 455 2.25 22.77 3.17
N TRP A 456 1.37 23.32 4.00
CA TRP A 456 1.56 24.66 4.54
C TRP A 456 0.51 24.91 5.59
N VAL A 457 0.92 25.55 6.69
CA VAL A 457 0.03 26.03 7.74
C VAL A 457 0.35 27.51 7.99
N GLY A 458 -0.67 28.35 8.01
CA GLY A 458 -0.43 29.75 8.33
C GLY A 458 -1.71 30.56 8.27
N GLU A 459 -1.51 31.88 8.24
CA GLU A 459 -2.62 32.84 8.19
C GLU A 459 -2.30 34.05 7.31
N ASP A 460 -1.13 34.10 6.70
CA ASP A 460 -0.71 35.24 5.90
C ASP A 460 -0.88 34.89 4.43
N GLN A 461 -1.60 35.75 3.70
CA GLN A 461 -1.90 35.49 2.30
C GLN A 461 -0.63 35.43 1.46
N ASP A 462 0.27 36.39 1.65
CA ASP A 462 1.53 36.40 0.90
C ASP A 462 2.30 35.12 1.15
N ASP A 463 2.31 34.63 2.39
CA ASP A 463 2.97 33.36 2.69
C ASP A 463 2.27 32.21 1.98
N LEU A 464 0.94 32.20 1.99
CA LEU A 464 0.20 31.19 1.24
C LEU A 464 0.57 31.23 -0.24
N LEU A 465 0.69 32.43 -0.80
CA LEU A 465 0.98 32.55 -2.23
C LEU A 465 2.37 32.01 -2.56
N ALA A 466 3.34 32.25 -1.69
CA ALA A 466 4.68 31.77 -1.95
C ALA A 466 4.74 30.25 -1.94
N HIS A 467 3.82 29.60 -1.23
CA HIS A 467 3.88 28.14 -1.12
C HIS A 467 3.09 27.41 -2.19
N LEU A 468 2.13 28.06 -2.85
CA LEU A 468 1.31 27.38 -3.86
C LEU A 468 2.10 26.81 -5.02
N PRO A 469 3.01 27.55 -5.68
CA PRO A 469 3.59 27.02 -6.93
C PRO A 469 4.30 25.68 -6.77
N ARG A 470 4.79 25.36 -5.56
CA ARG A 470 5.60 24.16 -5.38
C ARG A 470 4.82 22.89 -5.71
N TRP A 471 3.55 22.84 -5.32
CA TRP A 471 2.73 21.67 -5.58
C TRP A 471 1.66 21.92 -6.64
N PHE A 472 1.40 23.16 -7.00
CA PHE A 472 0.29 23.48 -7.86
C PHE A 472 0.66 24.33 -9.08
N GLY A 473 1.94 24.62 -9.28
CA GLY A 473 2.32 25.27 -10.51
C GLY A 473 1.98 26.75 -10.53
N ALA A 474 2.00 27.31 -11.72
CA ALA A 474 1.86 28.75 -11.92
C ALA A 474 0.40 29.16 -11.88
N ALA A 475 0.18 30.38 -11.36
CA ALA A 475 -1.13 30.98 -11.45
C ALA A 475 -1.55 31.11 -12.91
N THR A 476 -2.79 30.80 -13.18
CA THR A 476 -3.33 30.98 -14.51
C THR A 476 -4.40 32.04 -14.42
PA FAD B . 0.76 -7.36 -7.34
O1A FAD B . -0.52 -7.64 -6.63
O2A FAD B . 1.72 -8.30 -7.30
O5B FAD B . 0.21 -7.23 -8.75
C5B FAD B . 0.99 -6.91 -9.95
C4B FAD B . 0.17 -7.37 -11.23
O4B FAD B . 1.11 -7.34 -12.38
C3B FAD B . -0.40 -8.84 -11.25
O3B FAD B . -1.78 -8.81 -11.47
C2B FAD B . 0.46 -9.58 -12.34
O2B FAD B . -0.29 -10.49 -13.11
C1B FAD B . 0.74 -8.43 -13.27
N9A FAD B . 1.94 -8.53 -14.08
C8A FAD B . 3.16 -9.07 -13.72
N7A FAD B . 4.06 -8.98 -14.70
C5A FAD B . 3.40 -8.36 -15.73
C6A FAD B . 3.84 -8.00 -17.07
N6A FAD B . 5.04 -8.22 -17.53
N1A FAD B . 2.87 -7.38 -17.85
C2A FAD B . 1.61 -7.13 -17.38
N3A FAD B . 1.12 -7.45 -16.18
C4A FAD B . 2.06 -8.06 -15.39
N1 FAD B . 0.08 -6.74 2.53
C2 FAD B . -0.47 -6.10 3.56
O2 FAD B . -0.48 -4.89 3.67
N3 FAD B . -1.07 -6.80 4.64
C4 FAD B . -1.14 -8.16 4.66
O4 FAD B . -1.67 -8.72 5.59
C4X FAD B . -0.56 -8.87 3.54
N5 FAD B . -0.61 -10.21 3.53
C5X FAD B . -0.06 -10.83 2.45
C6 FAD B . -0.11 -12.24 2.44
C7 FAD B . 0.43 -12.95 1.39
C7M FAD B . 0.37 -14.45 1.37
C8 FAD B . 1.06 -12.27 0.30
C8M FAD B . 1.66 -13.05 -0.85
C9 FAD B . 1.12 -10.87 0.31
C9A FAD B . 0.57 -10.16 1.37
N10 FAD B . 0.59 -8.73 1.43
C10 FAD B . 0.06 -8.09 2.47
C1' FAD B . 1.24 -7.98 0.33
C2' FAD B . 0.30 -7.60 -0.84
O2' FAD B . -0.38 -8.78 -1.28
C3' FAD B . 1.15 -7.07 -1.99
O3' FAD B . 2.06 -6.07 -1.52
C4' FAD B . 0.19 -6.41 -3.00
O4' FAD B . -0.42 -7.39 -3.83
C5' FAD B . 0.99 -5.44 -3.82
O5' FAD B . 0.15 -5.10 -5.07
P FAD B . 0.81 -4.66 -6.37
O1P FAD B . -0.38 -4.21 -7.24
O2P FAD B . 1.88 -3.77 -6.21
O3P FAD B . 1.36 -5.88 -6.97
C ACT C . 20.46 -3.04 -17.58
O ACT C . 19.71 -4.04 -17.37
OXT ACT C . 21.45 -2.89 -16.81
CH3 ACT C . 20.18 -2.06 -18.67
#